data_5EM3
#
_entry.id   5EM3
#
_cell.length_a   60.140
_cell.length_b   60.140
_cell.length_c   63.220
_cell.angle_alpha   90.00
_cell.angle_beta   90.00
_cell.angle_gamma   120.00
#
_symmetry.space_group_name_H-M   'P 32 2 1'
#
loop_
_entity.id
_entity.type
_entity.pdbx_description
1 polymer Peregrin
2 non-polymer quinolin-5-ol
3 non-polymer 'NITRATE ION'
4 water water
#
_entity_poly.entity_id   1
_entity_poly.type   'polypeptide(L)'
_entity_poly.pdbx_seq_one_letter_code
;SMEMQLTPFLILLRKTLEQLQEKDTGNIFSEPVPLSEVPDYLDHIKKPMDFFTMKQNLEAYRYLNFDDFEEDFNLIVSNC
LKYNAKDTIFYRAAVRLREQGGAVLRQARRQAEKMG
;
_entity_poly.pdbx_strand_id   A
#
loop_
_chem_comp.id
_chem_comp.type
_chem_comp.name
_chem_comp.formula
5Q0 non-polymer quinolin-5-ol 'C9 H7 N O'
NO3 non-polymer 'NITRATE ION' 'N O3 -1'
#
# COMPACT_ATOMS: atom_id res chain seq x y z
N SER A 1 -20.27 3.45 -9.93
CA SER A 1 -21.50 3.68 -10.68
C SER A 1 -22.10 5.03 -10.35
N MET A 2 -23.28 5.29 -10.92
CA MET A 2 -23.94 6.58 -10.74
C MET A 2 -24.19 6.89 -9.27
N GLU A 3 -24.67 5.90 -8.52
CA GLU A 3 -25.14 6.14 -7.16
C GLU A 3 -24.09 5.88 -6.10
N MET A 4 -22.90 5.41 -6.49
CA MET A 4 -21.90 5.03 -5.51
C MET A 4 -21.45 6.23 -4.68
N GLN A 5 -21.55 6.11 -3.36
CA GLN A 5 -21.31 7.21 -2.45
C GLN A 5 -19.86 7.25 -1.98
N LEU A 6 -19.36 8.47 -1.76
CA LEU A 6 -17.96 8.68 -1.41
C LEU A 6 -17.66 8.20 0.01
N THR A 7 -18.45 8.64 1.00
CA THR A 7 -18.09 8.38 2.39
C THR A 7 -17.98 6.89 2.74
N PRO A 8 -18.92 6.02 2.37
CA PRO A 8 -18.72 4.59 2.69
C PRO A 8 -17.50 4.02 2.01
N PHE A 9 -17.17 4.49 0.81
CA PHE A 9 -15.98 4.01 0.13
C PHE A 9 -14.71 4.43 0.88
N LEU A 10 -14.63 5.69 1.34
CA LEU A 10 -13.46 6.11 2.10
C LEU A 10 -13.36 5.38 3.44
N ILE A 11 -14.50 5.14 4.10
CA ILE A 11 -14.49 4.34 5.33
C ILE A 11 -13.92 2.97 5.07
N LEU A 12 -14.32 2.34 3.96
CA LEU A 12 -13.76 1.05 3.59
C LEU A 12 -12.26 1.14 3.34
N LEU A 13 -11.81 2.18 2.64
CA LEU A 13 -10.38 2.29 2.38
C LEU A 13 -9.58 2.48 3.68
N ARG A 14 -10.11 3.27 4.62
CA ARG A 14 -9.42 3.45 5.90
C ARG A 14 -9.27 2.12 6.63
N LYS A 15 -10.35 1.35 6.70
CA LYS A 15 -10.30 0.04 7.37
C LYS A 15 -9.31 -0.88 6.66
N THR A 16 -9.33 -0.87 5.33
CA THR A 16 -8.43 -1.72 4.56
C THR A 16 -6.98 -1.34 4.78
N LEU A 17 -6.70 -0.03 4.79
CA LEU A 17 -5.35 0.43 5.05
C LEU A 17 -4.85 -0.03 6.43
N GLU A 18 -5.70 0.09 7.46
CA GLU A 18 -5.33 -0.39 8.78
C GLU A 18 -5.05 -1.89 8.76
N GLN A 19 -5.87 -2.67 8.04
CA GLN A 19 -5.64 -4.11 7.97
C GLN A 19 -4.33 -4.43 7.26
N LEU A 20 -3.97 -3.66 6.23
CA LEU A 20 -2.70 -3.88 5.55
C LEU A 20 -1.52 -3.53 6.45
N GLN A 21 -1.61 -2.40 7.15
CA GLN A 21 -0.54 -2.02 8.07
C GLN A 21 -0.34 -3.07 9.15
N GLU A 22 -1.41 -3.75 9.56
CA GLU A 22 -1.30 -4.81 10.55
C GLU A 22 -0.46 -5.96 10.02
N LYS A 23 -0.46 -6.21 8.71
CA LYS A 23 0.34 -7.29 8.17
C LYS A 23 1.82 -6.94 8.16
N ASP A 24 2.15 -5.64 8.09
CA ASP A 24 3.54 -5.17 8.12
C ASP A 24 3.92 -5.05 9.59
N THR A 25 4.25 -6.20 10.21
CA THR A 25 4.39 -6.24 11.65
C THR A 25 5.63 -5.48 12.14
N GLY A 26 6.66 -5.38 11.31
CA GLY A 26 7.83 -4.59 11.62
C GLY A 26 7.70 -3.12 11.35
N ASN A 27 6.57 -2.70 10.77
CA ASN A 27 6.33 -1.31 10.40
C ASN A 27 7.38 -0.76 9.43
N ILE A 28 7.97 -1.64 8.61
CA ILE A 28 9.01 -1.15 7.71
C ILE A 28 8.45 -0.31 6.58
N PHE A 29 7.15 -0.42 6.29
CA PHE A 29 6.49 0.35 5.23
C PHE A 29 5.63 1.48 5.79
N SER A 30 5.75 1.77 7.09
CA SER A 30 4.85 2.76 7.71
CA SER A 30 4.86 2.75 7.72
C SER A 30 5.15 4.18 7.25
N GLU A 31 6.40 4.47 6.92
CA GLU A 31 6.82 5.82 6.56
C GLU A 31 7.73 5.71 5.33
N PRO A 32 7.97 6.83 4.64
CA PRO A 32 8.82 6.77 3.45
C PRO A 32 10.16 6.13 3.77
N VAL A 33 10.68 5.38 2.79
CA VAL A 33 12.07 4.92 2.86
C VAL A 33 12.94 6.14 3.16
N PRO A 34 13.81 6.08 4.16
CA PRO A 34 14.59 7.27 4.53
C PRO A 34 15.70 7.57 3.53
N LEU A 35 15.45 8.56 2.66
CA LEU A 35 16.36 8.82 1.55
C LEU A 35 17.74 9.26 2.02
N SER A 36 17.83 9.87 3.21
CA SER A 36 19.14 10.24 3.75
C SER A 36 20.02 9.03 3.99
N GLU A 37 19.42 7.89 4.35
CA GLU A 37 20.18 6.67 4.57
C GLU A 37 20.40 5.88 3.29
N VAL A 38 19.63 6.16 2.24
CA VAL A 38 19.67 5.37 1.01
C VAL A 38 19.78 6.31 -0.18
N PRO A 39 20.91 7.02 -0.35
CA PRO A 39 20.99 8.04 -1.40
C PRO A 39 20.88 7.50 -2.81
N ASP A 40 21.03 6.19 -3.03
CA ASP A 40 20.86 5.63 -4.36
C ASP A 40 19.45 5.11 -4.62
N TYR A 41 18.53 5.26 -3.66
CA TYR A 41 17.20 4.69 -3.78
C TYR A 41 16.49 5.22 -5.02
N LEU A 42 16.56 6.54 -5.25
CA LEU A 42 15.86 7.13 -6.38
C LEU A 42 16.54 6.83 -7.71
N ASP A 43 17.77 6.30 -7.70
CA ASP A 43 18.37 5.81 -8.93
C ASP A 43 17.61 4.61 -9.46
N HIS A 44 17.07 3.79 -8.57
CA HIS A 44 16.36 2.56 -8.93
C HIS A 44 14.85 2.72 -8.93
N ILE A 45 14.31 3.54 -8.04
CA ILE A 45 12.88 3.56 -7.74
C ILE A 45 12.31 4.90 -8.21
N LYS A 46 11.37 4.84 -9.16
CA LYS A 46 10.86 6.08 -9.73
C LYS A 46 9.74 6.71 -8.90
N LYS A 47 8.97 5.91 -8.16
CA LYS A 47 7.90 6.45 -7.32
C LYS A 47 7.88 5.75 -5.97
N PRO A 48 8.58 6.30 -4.98
CA PRO A 48 8.50 5.75 -3.63
C PRO A 48 7.07 5.77 -3.13
N MET A 49 6.75 4.83 -2.23
CA MET A 49 5.43 4.79 -1.62
C MET A 49 5.53 4.13 -0.25
N ASP A 50 4.60 4.48 0.63
CA ASP A 50 4.57 3.96 2.00
C ASP A 50 3.16 4.19 2.55
N PHE A 51 2.89 3.60 3.72
CA PHE A 51 1.52 3.66 4.23
C PHE A 51 1.12 5.05 4.74
N PHE A 52 2.07 5.85 5.25
CA PHE A 52 1.72 7.19 5.68
C PHE A 52 1.31 8.04 4.48
N THR A 53 2.08 7.96 3.40
CA THR A 53 1.72 8.68 2.17
C THR A 53 0.37 8.20 1.65
N MET A 54 0.10 6.90 1.73
CA MET A 54 -1.21 6.40 1.30
C MET A 54 -2.33 7.00 2.14
N LYS A 55 -2.13 7.09 3.45
CA LYS A 55 -3.13 7.71 4.31
C LYS A 55 -3.36 9.15 3.93
N GLN A 56 -2.30 9.89 3.61
N GLN A 56 -2.29 9.89 3.62
CA GLN A 56 -2.48 11.29 3.21
CA GLN A 56 -2.45 11.27 3.19
C GLN A 56 -3.20 11.39 1.87
C GLN A 56 -3.23 11.35 1.88
N ASN A 57 -2.89 10.49 0.93
CA ASN A 57 -3.60 10.50 -0.35
C ASN A 57 -5.06 10.16 -0.17
N LEU A 58 -5.36 9.18 0.70
CA LEU A 58 -6.74 8.81 0.97
C LEU A 58 -7.53 10.02 1.49
N GLU A 59 -6.98 10.71 2.50
CA GLU A 59 -7.69 11.82 3.10
C GLU A 59 -7.75 13.04 2.18
N ALA A 60 -6.86 13.12 1.19
CA ALA A 60 -6.89 14.19 0.20
C ALA A 60 -7.80 13.87 -0.97
N TYR A 61 -8.56 12.77 -0.89
CA TYR A 61 -9.53 12.38 -1.92
C TYR A 61 -8.85 12.03 -3.24
N ARG A 62 -7.65 11.48 -3.16
CA ARG A 62 -6.94 11.07 -4.37
C ARG A 62 -7.28 9.65 -4.81
N TYR A 63 -7.92 8.87 -3.93
CA TYR A 63 -8.32 7.50 -4.24
C TYR A 63 -9.84 7.48 -4.36
N LEU A 64 -10.33 7.36 -5.58
CA LEU A 64 -11.77 7.37 -5.83
C LEU A 64 -12.27 6.05 -6.40
N ASN A 65 -11.37 5.11 -6.68
CA ASN A 65 -11.74 3.75 -7.05
C ASN A 65 -10.73 2.81 -6.40
N PHE A 66 -11.05 1.53 -6.38
CA PHE A 66 -10.19 0.62 -5.64
C PHE A 66 -8.83 0.50 -6.30
N ASP A 67 -8.76 0.54 -7.62
CA ASP A 67 -7.46 0.50 -8.31
C ASP A 67 -6.53 1.61 -7.85
N ASP A 68 -7.05 2.82 -7.65
CA ASP A 68 -6.20 3.93 -7.19
C ASP A 68 -5.45 3.52 -5.93
N PHE A 69 -6.17 2.92 -5.00
CA PHE A 69 -5.63 2.52 -3.71
C PHE A 69 -4.67 1.33 -3.88
N GLU A 70 -5.11 0.29 -4.59
CA GLU A 70 -4.30 -0.91 -4.71
C GLU A 70 -3.02 -0.64 -5.49
N GLU A 71 -3.04 0.28 -6.45
CA GLU A 71 -1.83 0.59 -7.21
C GLU A 71 -0.74 1.14 -6.30
N ASP A 72 -1.10 1.99 -5.34
CA ASP A 72 -0.09 2.49 -4.41
C ASP A 72 0.38 1.39 -3.47
N PHE A 73 -0.52 0.52 -3.00
CA PHE A 73 -0.06 -0.64 -2.25
C PHE A 73 0.94 -1.45 -3.06
N ASN A 74 0.64 -1.68 -4.36
CA ASN A 74 1.54 -2.50 -5.16
C ASN A 74 2.89 -1.84 -5.31
N LEU A 75 2.94 -0.51 -5.30
CA LEU A 75 4.22 0.19 -5.35
C LEU A 75 5.05 -0.09 -4.12
N ILE A 76 4.43 -0.08 -2.93
CA ILE A 76 5.15 -0.41 -1.71
C ILE A 76 5.85 -1.75 -1.89
N VAL A 77 5.10 -2.74 -2.35
CA VAL A 77 5.63 -4.09 -2.53
C VAL A 77 6.70 -4.12 -3.61
N SER A 78 6.38 -3.63 -4.81
CA SER A 78 7.29 -3.78 -5.95
CA SER A 78 7.30 -3.79 -5.94
C SER A 78 8.58 -3.00 -5.74
N ASN A 79 8.48 -1.80 -5.16
CA ASN A 79 9.69 -1.03 -4.90
C ASN A 79 10.63 -1.81 -4.00
N CYS A 80 10.07 -2.48 -2.99
CA CYS A 80 10.87 -3.19 -2.01
C CYS A 80 11.50 -4.45 -2.60
N LEU A 81 10.75 -5.18 -3.43
CA LEU A 81 11.33 -6.31 -4.15
C LEU A 81 12.44 -5.84 -5.09
N LYS A 82 12.23 -4.70 -5.76
CA LYS A 82 13.22 -4.23 -6.72
C LYS A 82 14.51 -3.81 -6.03
N TYR A 83 14.39 -3.05 -4.93
CA TYR A 83 15.59 -2.45 -4.35
C TYR A 83 16.43 -3.46 -3.57
N ASN A 84 15.79 -4.35 -2.82
CA ASN A 84 16.47 -5.20 -1.84
C ASN A 84 16.80 -6.56 -2.43
N ALA A 85 17.95 -7.09 -2.01
CA ALA A 85 18.38 -8.40 -2.46
C ALA A 85 17.45 -9.48 -1.91
N LYS A 86 17.35 -10.59 -2.65
CA LYS A 86 16.43 -11.65 -2.25
C LYS A 86 16.77 -12.26 -0.91
N ASP A 87 18.03 -12.19 -0.48
CA ASP A 87 18.41 -12.82 0.77
C ASP A 87 18.16 -11.95 2.00
N THR A 88 17.45 -10.83 1.85
CA THR A 88 17.22 -9.91 2.96
C THR A 88 15.83 -10.09 3.56
N ILE A 89 15.72 -9.74 4.84
CA ILE A 89 14.41 -9.71 5.47
C ILE A 89 13.50 -8.72 4.75
N PHE A 90 14.03 -7.57 4.33
CA PHE A 90 13.20 -6.58 3.67
C PHE A 90 12.53 -7.16 2.43
N TYR A 91 13.30 -7.87 1.60
CA TYR A 91 12.70 -8.50 0.42
C TYR A 91 11.59 -9.47 0.82
N ARG A 92 11.88 -10.34 1.77
N ARG A 92 11.87 -10.33 1.79
CA ARG A 92 10.86 -11.31 2.20
CA ARG A 92 10.86 -11.31 2.20
C ARG A 92 9.64 -10.61 2.81
C ARG A 92 9.67 -10.67 2.89
N ALA A 93 9.85 -9.48 3.50
CA ALA A 93 8.72 -8.76 4.06
C ALA A 93 7.79 -8.25 2.97
N ALA A 94 8.34 -7.86 1.83
CA ALA A 94 7.48 -7.46 0.71
C ALA A 94 6.72 -8.67 0.16
N VAL A 95 7.36 -9.83 0.07
CA VAL A 95 6.66 -11.03 -0.36
C VAL A 95 5.51 -11.34 0.59
N ARG A 96 5.80 -11.31 1.91
CA ARG A 96 4.77 -11.61 2.90
C ARG A 96 3.63 -10.61 2.80
N LEU A 97 3.94 -9.33 2.63
CA LEU A 97 2.89 -8.33 2.53
C LEU A 97 2.07 -8.51 1.26
N ARG A 98 2.71 -8.85 0.14
CA ARG A 98 1.97 -9.15 -1.08
C ARG A 98 0.99 -10.29 -0.85
N GLU A 99 1.44 -11.36 -0.21
CA GLU A 99 0.61 -12.55 -0.02
C GLU A 99 -0.51 -12.26 0.97
N GLN A 100 -0.15 -11.80 2.16
CA GLN A 100 -1.17 -11.59 3.20
C GLN A 100 -2.04 -10.38 2.88
N GLY A 101 -1.45 -9.34 2.30
CA GLY A 101 -2.21 -8.15 1.97
C GLY A 101 -3.10 -8.35 0.78
N GLY A 102 -2.71 -9.21 -0.16
CA GLY A 102 -3.58 -9.49 -1.29
C GLY A 102 -4.92 -10.04 -0.84
N ALA A 103 -4.92 -10.85 0.22
CA ALA A 103 -6.17 -11.41 0.71
C ALA A 103 -7.07 -10.33 1.29
N VAL A 104 -6.49 -9.41 2.07
CA VAL A 104 -7.20 -8.24 2.56
C VAL A 104 -7.79 -7.44 1.40
N LEU A 105 -7.01 -7.26 0.34
CA LEU A 105 -7.42 -6.41 -0.78
C LEU A 105 -8.54 -7.04 -1.59
N ARG A 106 -8.52 -8.35 -1.76
CA ARG A 106 -9.57 -9.00 -2.53
C ARG A 106 -10.91 -8.89 -1.82
N GLN A 107 -10.94 -9.11 -0.50
CA GLN A 107 -12.19 -8.98 0.22
C GLN A 107 -12.67 -7.53 0.23
N ALA A 108 -11.75 -6.57 0.36
CA ALA A 108 -12.16 -5.16 0.38
C ALA A 108 -12.72 -4.73 -0.96
N ARG A 109 -12.09 -5.13 -2.07
CA ARG A 109 -12.60 -4.78 -3.39
C ARG A 109 -13.99 -5.36 -3.61
N ARG A 110 -14.22 -6.59 -3.12
N ARG A 110 -14.23 -6.58 -3.12
CA ARG A 110 -15.55 -7.17 -3.20
CA ARG A 110 -15.56 -7.17 -3.20
C ARG A 110 -16.58 -6.31 -2.49
C ARG A 110 -16.59 -6.30 -2.48
N GLN A 111 -16.22 -5.76 -1.32
CA GLN A 111 -17.14 -4.88 -0.61
C GLN A 111 -17.39 -3.60 -1.40
N ALA A 112 -16.35 -3.05 -2.03
CA ALA A 112 -16.51 -1.85 -2.83
C ALA A 112 -17.43 -2.12 -4.03
N GLU A 113 -17.32 -3.31 -4.62
CA GLU A 113 -18.16 -3.65 -5.76
C GLU A 113 -19.63 -3.73 -5.38
N LYS A 114 -19.93 -4.05 -4.13
CA LYS A 114 -21.32 -4.08 -3.68
C LYS A 114 -21.89 -2.68 -3.48
N MET A 115 -21.05 -1.65 -3.49
CA MET A 115 -21.52 -0.28 -3.30
C MET A 115 -22.09 0.31 -4.58
C2 5Q0 B . 11.94 -0.80 2.50
C3 5Q0 B . 13.22 -0.36 2.20
C4 5Q0 B . 13.96 0.35 3.15
C5 5Q0 B . 15.24 0.80 2.87
C6 5Q0 B . 15.80 0.52 1.63
C7 5Q0 B . 15.05 -0.20 0.72
C9 5Q0 B . 12.11 0.21 4.69
C1 5Q0 B . 11.39 -0.51 3.75
N1 5Q0 B . 13.75 -0.63 1.01
C8 5Q0 B . 13.39 0.64 4.39
O1 5Q0 B . 14.17 1.35 5.25
C2 5Q0 C . 12.13 0.12 4.56
C3 5Q0 C . 13.41 0.51 4.17
C4 5Q0 C . 13.84 0.20 2.88
C5 5Q0 C . 15.12 0.57 2.48
C6 5Q0 C . 15.94 1.25 3.36
C7 5Q0 C . 15.49 1.54 4.66
C9 5Q0 C . 11.71 -0.85 2.39
C1 5Q0 C . 11.29 -0.55 3.69
N1 5Q0 C . 14.21 1.16 5.03
C8 5Q0 C . 12.99 -0.47 2.01
O1 5Q0 C . 13.47 -0.74 0.76
N NO3 D . 9.00 -13.13 -4.99
O1 NO3 D . 7.86 -14.06 -4.98
O2 NO3 D . 8.78 -11.88 -5.24
O3 NO3 D . 10.22 -13.55 -4.84
N NO3 E . 9.73 -6.79 9.27
O1 NO3 E . 8.31 -6.96 9.38
O2 NO3 E . 10.30 -6.62 8.11
O3 NO3 E . 10.44 -6.77 10.31
#